data_7EVS
#
_entry.id   7EVS
#
_cell.length_a   41.676
_cell.length_b   41.685
_cell.length_c   42.636
_cell.angle_alpha   85.020
_cell.angle_beta   89.570
_cell.angle_gamma   71.120
#
_symmetry.space_group_name_H-M   'P 1'
#
loop_
_entity.id
_entity.type
_entity.pdbx_description
1 polymer 'Heterogeneous nuclear ribonucleoprotein L-like'
2 polymer 'SHI domain from Histone-lysine N-methyltransferase SETD2'
3 non-polymer 'SULFATE ION'
4 water water
#
loop_
_entity_poly.entity_id
_entity_poly.type
_entity_poly.pdbx_seq_one_letter_code
_entity_poly.pdbx_strand_id
1 'polypeptide(L)'
;HHHHHHMNKVLLLSIQNPLYPITVDVLYTVCNPVGKVQRIVIFKRNGIQAMVEFESVLCAQKAKAALNGADIYAGCCTLK
IEYARPTRLNVIRNDNDSWDYTKPYLGRRD
;
A,B
2 'polypeptide(L)' SNPNAGKVLLPTP C,D
#
loop_
_chem_comp.id
_chem_comp.type
_chem_comp.name
_chem_comp.formula
SO4 non-polymer 'SULFATE ION' 'O4 S -2'
#
# COMPACT_ATOMS: atom_id res chain seq x y z
N HIS A 6 -24.51 -8.82 8.04
CA HIS A 6 -25.06 -8.29 6.81
C HIS A 6 -23.95 -7.81 5.87
N MET A 7 -23.97 -8.30 4.63
CA MET A 7 -22.96 -7.89 3.65
C MET A 7 -22.91 -6.38 3.52
N ASN A 8 -21.72 -5.87 3.28
CA ASN A 8 -21.43 -4.46 3.47
C ASN A 8 -20.06 -4.19 2.87
N LYS A 9 -19.77 -2.93 2.55
CA LYS A 9 -18.45 -2.67 2.01
C LYS A 9 -17.41 -2.36 3.08
N VAL A 10 -17.78 -2.36 4.36
CA VAL A 10 -16.83 -2.21 5.45
C VAL A 10 -16.56 -3.56 6.10
N LEU A 11 -15.30 -3.98 6.13
CA LEU A 11 -14.91 -5.18 6.84
C LEU A 11 -14.37 -4.85 8.22
N LEU A 12 -14.55 -5.78 9.15
CA LEU A 12 -13.94 -5.73 10.47
C LEU A 12 -12.86 -6.81 10.51
N LEU A 13 -11.62 -6.39 10.73
CA LEU A 13 -10.48 -7.29 10.80
C LEU A 13 -10.06 -7.40 12.26
N SER A 14 -9.88 -8.63 12.73
CA SER A 14 -9.28 -8.90 14.04
C SER A 14 -7.93 -9.56 13.78
N ILE A 15 -6.88 -8.99 14.36
CA ILE A 15 -5.52 -9.47 14.08
C ILE A 15 -5.07 -10.24 15.32
N GLN A 16 -5.16 -11.57 15.21
CA GLN A 16 -4.73 -12.49 16.26
C GLN A 16 -3.21 -12.58 16.32
N ASN A 17 -2.67 -12.69 17.53
CA ASN A 17 -1.24 -12.83 17.73
C ASN A 17 -0.48 -11.72 17.01
N PRO A 18 -0.75 -10.45 17.34
CA PRO A 18 -0.17 -9.31 16.59
C PRO A 18 1.24 -8.98 17.05
N LEU A 19 2.21 -9.81 16.60
CA LEU A 19 3.58 -9.69 17.08
C LEU A 19 4.29 -8.49 16.51
N TYR A 20 3.77 -7.90 15.43
CA TYR A 20 4.36 -6.79 14.74
C TYR A 20 3.36 -5.65 14.66
N PRO A 21 3.83 -4.42 14.46
CA PRO A 21 2.91 -3.27 14.44
C PRO A 21 1.86 -3.39 13.35
N ILE A 22 0.64 -2.99 13.69
CA ILE A 22 -0.48 -2.97 12.77
C ILE A 22 -0.83 -1.51 12.51
N THR A 23 -0.42 -1.00 11.37
CA THR A 23 -0.62 0.38 10.97
C THR A 23 -1.36 0.40 9.65
N VAL A 24 -1.83 1.59 9.25
CA VAL A 24 -2.65 1.67 8.05
C VAL A 24 -1.85 1.28 6.81
N ASP A 25 -0.56 1.63 6.77
CA ASP A 25 0.28 1.24 5.64
CA ASP A 25 0.24 1.25 5.62
C ASP A 25 0.32 -0.27 5.48
N VAL A 26 0.47 -0.99 6.59
CA VAL A 26 0.49 -2.45 6.52
C VAL A 26 -0.85 -2.97 6.00
N LEU A 27 -1.96 -2.48 6.57
CA LEU A 27 -3.24 -3.00 6.13
C LEU A 27 -3.57 -2.60 4.69
N TYR A 28 -3.09 -1.45 4.23
CA TYR A 28 -3.29 -1.07 2.83
C TYR A 28 -2.55 -2.02 1.90
N THR A 29 -1.32 -2.38 2.28
CA THR A 29 -0.56 -3.31 1.44
C THR A 29 -1.16 -4.72 1.49
N VAL A 30 -1.86 -5.06 2.57
CA VAL A 30 -2.55 -6.36 2.71
C VAL A 30 -3.83 -6.39 1.89
N CYS A 31 -4.66 -5.37 2.05
CA CYS A 31 -6.02 -5.40 1.55
C CYS A 31 -6.13 -4.87 0.14
N ASN A 32 -5.48 -3.75 -0.15
CA ASN A 32 -5.77 -3.10 -1.42
C ASN A 32 -5.45 -3.93 -2.64
N PRO A 33 -4.42 -4.80 -2.66
CA PRO A 33 -4.21 -5.61 -3.86
C PRO A 33 -5.36 -6.55 -4.19
N VAL A 34 -6.21 -6.85 -3.22
CA VAL A 34 -7.31 -7.78 -3.47
CA VAL A 34 -7.33 -7.79 -3.38
C VAL A 34 -8.66 -7.08 -3.52
N GLY A 35 -8.81 -5.94 -2.85
CA GLY A 35 -10.04 -5.16 -2.93
C GLY A 35 -9.71 -3.70 -2.74
N LYS A 36 -10.23 -2.81 -3.58
CA LYS A 36 -9.84 -1.41 -3.54
C LYS A 36 -10.30 -0.74 -2.25
N VAL A 37 -9.35 -0.19 -1.50
CA VAL A 37 -9.57 0.40 -0.18
C VAL A 37 -9.88 1.88 -0.32
N GLN A 38 -10.83 2.36 0.49
CA GLN A 38 -11.07 3.79 0.61
C GLN A 38 -10.57 4.34 1.93
N ARG A 39 -10.90 3.69 3.04
CA ARG A 39 -10.53 4.19 4.36
C ARG A 39 -10.17 3.04 5.29
N ILE A 40 -9.25 3.32 6.24
CA ILE A 40 -8.84 2.35 7.25
C ILE A 40 -8.83 3.04 8.61
N VAL A 41 -9.39 2.37 9.62
CA VAL A 41 -9.34 2.82 11.01
CA VAL A 41 -9.31 2.83 11.00
C VAL A 41 -8.90 1.65 11.88
N ILE A 42 -7.84 1.86 12.66
CA ILE A 42 -7.28 0.82 13.53
C ILE A 42 -7.53 1.22 14.98
N PHE A 43 -7.90 0.24 15.80
CA PHE A 43 -8.25 0.52 17.19
C PHE A 43 -8.01 -0.72 18.03
N LYS A 44 -8.14 -0.55 19.34
CA LYS A 44 -8.08 -1.65 20.29
C LYS A 44 -9.46 -1.83 20.90
N ARG A 45 -9.98 -3.05 20.83
CA ARG A 45 -11.28 -3.35 21.42
C ARG A 45 -11.29 -4.82 21.81
N ASN A 46 -11.69 -5.69 20.89
CA ASN A 46 -11.51 -7.12 21.07
C ASN A 46 -10.17 -7.51 20.47
N GLY A 47 -9.10 -7.14 21.19
CA GLY A 47 -7.76 -7.22 20.66
C GLY A 47 -7.49 -6.06 19.71
N ILE A 48 -6.44 -6.21 18.90
CA ILE A 48 -6.14 -5.24 17.86
C ILE A 48 -7.09 -5.49 16.70
N GLN A 49 -7.82 -4.45 16.28
CA GLN A 49 -8.84 -4.61 15.26
C GLN A 49 -8.77 -3.42 14.31
N ALA A 50 -9.43 -3.59 13.17
CA ALA A 50 -9.48 -2.52 12.19
C ALA A 50 -10.76 -2.62 11.41
N MET A 51 -11.31 -1.49 11.00
CA MET A 51 -12.30 -1.51 9.95
C MET A 51 -11.69 -0.98 8.67
N VAL A 52 -12.03 -1.65 7.57
CA VAL A 52 -11.53 -1.26 6.26
C VAL A 52 -12.74 -1.08 5.37
N GLU A 53 -12.92 0.13 4.84
CA GLU A 53 -14.02 0.42 3.94
C GLU A 53 -13.49 0.29 2.51
N PHE A 54 -14.14 -0.55 1.73
CA PHE A 54 -13.77 -0.79 0.34
C PHE A 54 -14.66 0.04 -0.57
N GLU A 55 -14.29 0.08 -1.85
CA GLU A 55 -15.02 0.89 -2.81
C GLU A 55 -16.41 0.31 -3.10
N SER A 56 -16.59 -0.99 -2.91
CA SER A 56 -17.83 -1.66 -3.24
C SER A 56 -17.96 -2.92 -2.39
N VAL A 57 -19.19 -3.43 -2.34
CA VAL A 57 -19.43 -4.71 -1.67
C VAL A 57 -18.61 -5.82 -2.32
N LEU A 58 -18.60 -5.86 -3.67
CA LEU A 58 -17.80 -6.87 -4.34
C LEU A 58 -16.33 -6.82 -3.90
N CYS A 59 -15.75 -5.61 -3.87
CA CYS A 59 -14.36 -5.51 -3.44
C CYS A 59 -14.16 -6.01 -2.02
N ALA A 60 -15.09 -5.69 -1.10
CA ALA A 60 -14.99 -6.22 0.25
C ALA A 60 -15.11 -7.74 0.27
N GLN A 61 -15.98 -8.30 -0.57
CA GLN A 61 -16.13 -9.76 -0.60
C GLN A 61 -14.86 -10.42 -1.09
N LYS A 62 -14.22 -9.80 -2.09
CA LYS A 62 -12.98 -10.33 -2.61
C LYS A 62 -11.89 -10.31 -1.54
N ALA A 63 -11.80 -9.21 -0.81
CA ALA A 63 -10.79 -9.13 0.25
C ALA A 63 -11.08 -10.16 1.35
N LYS A 64 -12.34 -10.24 1.77
CA LYS A 64 -12.69 -11.22 2.80
C LYS A 64 -12.34 -12.63 2.36
N ALA A 65 -12.68 -12.98 1.12
CA ALA A 65 -12.44 -14.35 0.66
C ALA A 65 -10.94 -14.66 0.60
N ALA A 66 -10.14 -13.70 0.14
CA ALA A 66 -8.73 -13.95 -0.10
C ALA A 66 -7.88 -13.85 1.16
N LEU A 67 -8.36 -13.16 2.19
CA LEU A 67 -7.53 -12.84 3.34
C LEU A 67 -7.96 -13.50 4.63
N ASN A 68 -9.21 -13.91 4.75
CA ASN A 68 -9.68 -14.49 6.00
C ASN A 68 -8.93 -15.77 6.30
N GLY A 69 -8.34 -15.83 7.50
CA GLY A 69 -7.54 -16.97 7.90
C GLY A 69 -6.09 -16.91 7.45
N ALA A 70 -5.71 -15.93 6.64
CA ALA A 70 -4.31 -15.80 6.27
C ALA A 70 -3.53 -15.09 7.38
N ASP A 71 -2.22 -15.28 7.37
CA ASP A 71 -1.31 -14.57 8.29
C ASP A 71 -0.66 -13.41 7.54
N ILE A 72 -0.62 -12.23 8.18
CA ILE A 72 0.06 -11.12 7.54
C ILE A 72 1.54 -11.44 7.37
N TYR A 73 2.13 -12.01 8.41
CA TYR A 73 3.52 -12.43 8.42
C TYR A 73 3.56 -13.87 8.88
N ALA A 74 4.60 -14.59 8.45
CA ALA A 74 4.66 -16.02 8.74
C ALA A 74 4.44 -16.32 10.21
N GLY A 75 3.45 -17.18 10.49
CA GLY A 75 3.21 -17.70 11.83
C GLY A 75 2.57 -16.76 12.82
N CYS A 76 2.10 -15.58 12.40
CA CYS A 76 1.50 -14.65 13.33
C CYS A 76 0.60 -13.67 12.58
N CYS A 77 -0.05 -12.79 13.33
CA CYS A 77 -0.90 -11.76 12.72
C CYS A 77 -1.95 -12.41 11.83
N THR A 78 -2.67 -13.37 12.41
CA THR A 78 -3.69 -14.13 11.71
C THR A 78 -4.96 -13.31 11.59
N LEU A 79 -5.50 -13.22 10.37
CA LEU A 79 -6.68 -12.40 10.12
C LEU A 79 -7.96 -13.18 10.36
N LYS A 80 -8.84 -12.62 11.18
CA LYS A 80 -10.24 -13.05 11.28
C LYS A 80 -11.07 -11.89 10.77
N ILE A 81 -11.88 -12.15 9.74
CA ILE A 81 -12.57 -11.08 9.02
C ILE A 81 -14.06 -11.34 9.04
N GLU A 82 -14.82 -10.29 9.37
CA GLU A 82 -16.26 -10.30 9.33
C GLU A 82 -16.72 -9.00 8.69
N TYR A 83 -18.00 -8.91 8.40
CA TYR A 83 -18.57 -7.65 7.93
C TYR A 83 -18.75 -6.73 9.12
N ALA A 84 -18.31 -5.48 8.96
CA ALA A 84 -18.48 -4.53 10.04
C ALA A 84 -19.92 -4.04 10.07
N ARG A 85 -20.30 -3.47 11.21
CA ARG A 85 -21.63 -2.89 11.37
C ARG A 85 -21.77 -1.56 10.64
N PRO A 86 -20.83 -0.60 10.79
CA PRO A 86 -20.98 0.66 10.05
C PRO A 86 -20.94 0.44 8.54
N THR A 87 -21.77 1.21 7.84
CA THR A 87 -21.79 1.19 6.38
C THR A 87 -20.76 2.14 5.77
N ARG A 88 -20.22 3.06 6.57
CA ARG A 88 -19.21 3.97 6.08
C ARG A 88 -18.24 4.27 7.21
N LEU A 89 -17.04 4.69 6.84
CA LEU A 89 -16.03 5.11 7.79
C LEU A 89 -15.70 6.57 7.56
N ASN A 90 -15.40 7.26 8.65
CA ASN A 90 -14.96 8.64 8.57
C ASN A 90 -13.64 8.75 9.31
N VAL A 91 -12.69 9.43 8.69
CA VAL A 91 -11.32 9.50 9.17
C VAL A 91 -11.07 10.93 9.63
N ILE A 92 -10.71 11.09 10.90
CA ILE A 92 -10.44 12.43 11.43
C ILE A 92 -9.16 13.00 10.84
N ARG A 93 -8.09 12.20 10.82
CA ARG A 93 -6.84 12.65 10.23
C ARG A 93 -6.13 11.43 9.67
N ASN A 94 -5.23 11.68 8.73
CA ASN A 94 -4.40 10.63 8.17
C ASN A 94 -3.15 10.50 9.05
N ASP A 95 -3.03 9.37 9.74
CA ASP A 95 -1.82 9.06 10.51
C ASP A 95 -1.65 7.54 10.53
N ASN A 96 -0.87 7.03 11.47
CA ASN A 96 -0.60 5.59 11.46
C ASN A 96 -1.83 4.75 11.78
N ASP A 97 -2.84 5.32 12.45
CA ASP A 97 -3.99 4.54 12.89
C ASP A 97 -5.27 4.78 12.10
N SER A 98 -5.31 5.82 11.26
CA SER A 98 -6.47 6.03 10.40
C SER A 98 -6.03 6.72 9.12
N TRP A 99 -6.70 6.40 8.02
CA TRP A 99 -6.28 6.94 6.74
C TRP A 99 -7.42 6.93 5.75
N ASP A 100 -7.58 8.02 5.04
CA ASP A 100 -8.52 8.14 3.93
C ASP A 100 -7.68 8.26 2.67
N TYR A 101 -7.76 7.26 1.80
CA TYR A 101 -6.89 7.18 0.64
C TYR A 101 -7.36 8.06 -0.51
N THR A 102 -8.42 8.83 -0.32
CA THR A 102 -8.80 9.88 -1.25
C THR A 102 -8.29 11.25 -0.83
N LYS A 103 -7.60 11.36 0.31
CA LYS A 103 -7.22 12.64 0.90
C LYS A 103 -5.73 12.67 1.24
N PRO A 104 -5.13 13.87 1.28
CA PRO A 104 -3.68 13.93 1.47
C PRO A 104 -3.27 13.77 2.93
N TYR A 105 -2.03 13.30 3.10
CA TYR A 105 -1.34 13.46 4.36
C TYR A 105 -1.12 14.95 4.63
N LEU A 106 -1.49 15.39 5.83
CA LEU A 106 -1.55 16.81 6.21
C LEU A 106 -2.69 17.53 5.50
N HIS B 6 9.60 10.73 -22.58
CA HIS B 6 8.98 9.75 -23.46
C HIS B 6 7.90 8.96 -22.71
N MET B 7 6.67 9.48 -22.76
CA MET B 7 5.57 8.98 -21.93
C MET B 7 5.46 7.46 -22.05
N ASN B 8 5.17 6.83 -20.92
CA ASN B 8 5.27 5.38 -20.83
C ASN B 8 4.61 4.96 -19.53
N LYS B 9 4.31 3.66 -19.39
CA LYS B 9 3.68 3.10 -18.19
C LYS B 9 4.64 2.92 -17.02
N VAL B 10 5.95 3.04 -17.22
CA VAL B 10 6.93 2.74 -16.18
C VAL B 10 7.62 4.03 -15.79
N LEU B 11 7.60 4.34 -14.48
CA LEU B 11 8.31 5.48 -13.95
C LEU B 11 9.62 5.04 -13.32
N LEU B 12 10.64 5.86 -13.47
CA LEU B 12 11.90 5.69 -12.75
C LEU B 12 11.91 6.67 -11.59
N LEU B 13 11.95 6.14 -10.36
CA LEU B 13 12.00 6.95 -9.16
C LEU B 13 13.43 6.95 -8.63
N SER B 14 13.94 8.14 -8.36
CA SER B 14 15.22 8.31 -7.67
C SER B 14 14.92 8.94 -6.32
N ILE B 15 15.31 8.27 -5.24
CA ILE B 15 14.98 8.72 -3.90
C ILE B 15 16.21 9.41 -3.33
N GLN B 16 16.18 10.74 -3.32
CA GLN B 16 17.27 11.53 -2.78
C GLN B 16 17.19 11.59 -1.27
N ASN B 17 18.35 11.60 -0.62
CA ASN B 17 18.44 11.64 0.84
C ASN B 17 17.62 10.50 1.45
N PRO B 18 17.91 9.23 1.11
CA PRO B 18 17.08 8.09 1.58
C PRO B 18 17.44 7.65 3.00
N LEU B 19 16.94 8.42 3.98
CA LEU B 19 17.28 8.21 5.38
C LEU B 19 16.58 7.00 5.99
N TYR B 20 15.55 6.50 5.33
CA TYR B 20 14.73 5.40 5.81
C TYR B 20 14.68 4.33 4.74
N PRO B 21 14.41 3.08 5.11
CA PRO B 21 14.40 1.99 4.13
C PRO B 21 13.38 2.21 3.04
N ILE B 22 13.78 1.89 1.81
CA ILE B 22 12.89 1.96 0.66
C ILE B 22 12.61 0.53 0.21
N THR B 23 11.39 0.08 0.45
CA THR B 23 10.94 -1.26 0.12
C THR B 23 9.75 -1.15 -0.81
N VAL B 24 9.34 -2.29 -1.38
CA VAL B 24 8.20 -2.25 -2.29
C VAL B 24 6.93 -1.84 -1.54
N ASP B 25 6.80 -2.26 -0.27
CA ASP B 25 5.63 -1.86 0.51
C ASP B 25 5.55 -0.35 0.65
N VAL B 26 6.67 0.30 0.97
CA VAL B 26 6.67 1.76 1.05
C VAL B 26 6.26 2.37 -0.28
N LEU B 27 6.88 1.91 -1.37
CA LEU B 27 6.58 2.51 -2.66
C LEU B 27 5.16 2.22 -3.13
N TYR B 28 4.60 1.06 -2.79
CA TYR B 28 3.19 0.81 -3.08
C TYR B 28 2.29 1.78 -2.36
N THR B 29 2.56 2.02 -1.07
CA THR B 29 1.70 2.91 -0.29
C THR B 29 1.79 4.36 -0.74
N VAL B 30 2.88 4.79 -1.35
CA VAL B 30 2.88 6.17 -1.85
C VAL B 30 2.45 6.27 -3.31
N CYS B 31 2.72 5.26 -4.13
CA CYS B 31 2.37 5.37 -5.56
C CYS B 31 0.96 4.90 -5.85
N ASN B 32 0.55 3.76 -5.32
CA ASN B 32 -0.73 3.19 -5.75
C ASN B 32 -1.94 4.09 -5.46
N PRO B 33 -2.00 4.87 -4.39
CA PRO B 33 -3.17 5.74 -4.21
C PRO B 33 -3.36 6.77 -5.31
N VAL B 34 -2.31 7.05 -6.08
CA VAL B 34 -2.41 8.07 -7.11
CA VAL B 34 -2.33 8.09 -7.11
C VAL B 34 -2.41 7.48 -8.52
N GLY B 35 -1.77 6.33 -8.71
CA GLY B 35 -1.80 5.64 -9.99
C GLY B 35 -1.69 4.15 -9.72
N LYS B 36 -2.51 3.34 -10.38
CA LYS B 36 -2.57 1.93 -10.02
C LYS B 36 -1.30 1.20 -10.44
N VAL B 37 -0.66 0.56 -9.48
CA VAL B 37 0.62 -0.13 -9.66
C VAL B 37 0.42 -1.57 -10.09
N GLN B 38 1.25 -2.03 -11.02
CA GLN B 38 1.32 -3.46 -11.33
C GLN B 38 2.57 -4.12 -10.76
N ARG B 39 3.73 -3.50 -10.92
CA ARG B 39 5.00 -4.13 -10.56
C ARG B 39 5.96 -3.07 -10.05
N ILE B 40 6.78 -3.44 -9.06
CA ILE B 40 7.84 -2.56 -8.53
C ILE B 40 9.15 -3.34 -8.49
N VAL B 41 10.25 -2.68 -8.92
CA VAL B 41 11.59 -3.23 -8.79
C VAL B 41 12.48 -2.15 -8.21
N ILE B 42 13.19 -2.47 -7.13
CA ILE B 42 14.06 -1.52 -6.44
C ILE B 42 15.50 -1.93 -6.68
N PHE B 43 16.38 -0.95 -6.92
CA PHE B 43 17.78 -1.29 -7.12
C PHE B 43 18.65 -0.17 -6.58
N LYS B 44 19.94 -0.46 -6.48
CA LYS B 44 20.96 0.52 -6.09
C LYS B 44 21.94 0.64 -7.26
N ARG B 45 21.73 1.64 -8.12
CA ARG B 45 22.65 1.91 -9.21
C ARG B 45 23.22 3.32 -9.07
N ASN B 46 22.42 4.32 -9.44
CA ASN B 46 22.74 5.72 -9.14
C ASN B 46 21.93 6.09 -7.89
N GLY B 47 22.40 5.61 -6.74
CA GLY B 47 21.67 5.77 -5.49
C GLY B 47 20.53 4.78 -5.39
N ILE B 48 19.61 5.04 -4.45
CA ILE B 48 18.41 4.22 -4.30
C ILE B 48 17.42 4.63 -5.37
N GLN B 49 17.02 3.68 -6.21
CA GLN B 49 16.12 3.95 -7.30
C GLN B 49 15.12 2.83 -7.41
N ALA B 50 14.03 3.10 -8.12
CA ALA B 50 13.05 2.08 -8.36
C ALA B 50 12.39 2.32 -9.70
N MET B 51 11.95 1.24 -10.33
CA MET B 51 11.05 1.36 -11.45
C MET B 51 9.67 0.90 -11.00
N VAL B 52 8.64 1.68 -11.30
CA VAL B 52 7.26 1.36 -10.95
C VAL B 52 6.45 1.28 -12.23
N GLU B 53 5.91 0.10 -12.54
CA GLU B 53 5.08 -0.09 -13.72
C GLU B 53 3.63 0.09 -13.32
N PHE B 54 2.94 1.02 -13.97
CA PHE B 54 1.55 1.31 -13.72
C PHE B 54 0.65 0.60 -14.72
N GLU B 55 -0.65 0.56 -14.40
CA GLU B 55 -1.61 -0.12 -15.25
C GLU B 55 -1.79 0.56 -16.60
N SER B 56 -1.50 1.86 -16.68
CA SER B 56 -1.71 2.60 -17.92
C SER B 56 -0.77 3.81 -17.94
N VAL B 57 -0.64 4.40 -19.12
CA VAL B 57 0.13 5.64 -19.25
C VAL B 57 -0.52 6.74 -18.41
N LEU B 58 -1.84 6.87 -18.50
CA LEU B 58 -2.54 7.86 -17.67
C LEU B 58 -2.21 7.68 -16.19
N CYS B 59 -2.27 6.45 -15.70
CA CYS B 59 -1.94 6.24 -14.29
C CYS B 59 -0.50 6.67 -13.95
N ALA B 60 0.47 6.36 -14.83
CA ALA B 60 1.83 6.82 -14.58
C ALA B 60 1.91 8.34 -14.62
N GLN B 61 1.18 8.97 -15.54
CA GLN B 61 1.19 10.43 -15.60
C GLN B 61 0.65 11.04 -14.31
N LYS B 62 -0.41 10.45 -13.78
CA LYS B 62 -1.01 10.93 -12.53
C LYS B 62 -0.03 10.80 -11.39
N ALA B 63 0.63 9.66 -11.29
CA ALA B 63 1.60 9.48 -10.22
C ALA B 63 2.78 10.45 -10.35
N LYS B 64 3.31 10.61 -11.57
CA LYS B 64 4.41 11.56 -11.76
C LYS B 64 3.99 12.97 -11.36
N ALA B 65 2.80 13.39 -11.76
CA ALA B 65 2.37 14.75 -11.45
C ALA B 65 2.22 14.97 -9.96
N ALA B 66 1.66 13.99 -9.26
CA ALA B 66 1.33 14.15 -7.84
C ALA B 66 2.52 13.93 -6.93
N LEU B 67 3.54 13.21 -7.39
CA LEU B 67 4.62 12.76 -6.51
C LEU B 67 5.99 13.36 -6.82
N ASN B 68 6.24 13.81 -8.04
CA ASN B 68 7.54 14.38 -8.35
C ASN B 68 7.85 15.57 -7.46
N GLY B 69 9.00 15.53 -6.81
CA GLY B 69 9.42 16.59 -5.91
C GLY B 69 8.85 16.52 -4.52
N ALA B 70 7.93 15.59 -4.24
CA ALA B 70 7.45 15.36 -2.89
C ALA B 70 8.47 14.58 -2.08
N ASP B 71 8.35 14.67 -0.74
CA ASP B 71 9.14 13.85 0.18
C ASP B 71 8.30 12.69 0.70
N ILE B 72 8.86 11.48 0.73
CA ILE B 72 8.12 10.36 1.29
C ILE B 72 7.86 10.60 2.77
N TYR B 73 8.88 11.12 3.46
CA TYR B 73 8.84 11.44 4.87
C TYR B 73 9.37 12.84 5.04
N ALA B 74 8.90 13.53 6.08
CA ALA B 74 9.23 14.94 6.27
C ALA B 74 10.74 15.17 6.18
N GLY B 75 11.13 16.05 5.24
CA GLY B 75 12.49 16.52 5.14
C GLY B 75 13.48 15.57 4.51
N CYS B 76 13.02 14.46 3.93
CA CYS B 76 13.97 13.52 3.34
C CYS B 76 13.24 12.64 2.33
N CYS B 77 13.97 11.73 1.71
CA CYS B 77 13.39 10.79 0.74
C CYS B 77 12.65 11.55 -0.35
N THR B 78 13.35 12.52 -0.95
CA THR B 78 12.78 13.37 -1.98
C THR B 78 12.71 12.62 -3.30
N LEU B 79 11.53 12.63 -3.92
CA LEU B 79 11.30 11.88 -5.15
C LEU B 79 11.71 12.71 -6.36
N LYS B 80 12.59 12.15 -7.19
CA LYS B 80 12.85 12.67 -8.54
C LYS B 80 12.37 11.61 -9.52
N ILE B 81 11.43 11.98 -10.38
CA ILE B 81 10.68 11.01 -11.17
C ILE B 81 10.83 11.34 -12.65
N GLU B 82 11.18 10.33 -13.43
CA GLU B 82 11.26 10.41 -14.89
C GLU B 82 10.56 9.18 -15.47
N TYR B 83 10.27 9.23 -16.76
CA TYR B 83 9.80 8.03 -17.43
C TYR B 83 10.96 7.05 -17.64
N ALA B 84 10.71 5.79 -17.31
CA ALA B 84 11.72 4.77 -17.52
C ALA B 84 11.68 4.32 -18.98
N ARG B 85 12.79 3.70 -19.42
CA ARG B 85 12.85 3.19 -20.79
C ARG B 85 12.03 1.91 -20.97
N PRO B 86 12.06 0.92 -20.07
CA PRO B 86 11.26 -0.29 -20.32
C PRO B 86 9.78 0.01 -20.34
N THR B 87 9.06 -0.68 -21.23
CA THR B 87 7.61 -0.58 -21.28
C THR B 87 6.92 -1.47 -20.26
N ARG B 88 7.65 -2.42 -19.67
CA ARG B 88 7.07 -3.36 -18.73
C ARG B 88 8.23 -3.95 -17.92
N LEU B 89 7.92 -4.38 -16.70
CA LEU B 89 8.91 -5.01 -15.83
C LEU B 89 8.61 -6.50 -15.71
N ASN B 90 9.66 -7.30 -15.63
CA ASN B 90 9.53 -8.68 -15.20
C ASN B 90 9.98 -8.79 -13.76
N VAL B 91 9.22 -9.55 -12.97
CA VAL B 91 9.52 -9.77 -11.57
C VAL B 91 9.73 -11.27 -11.38
N ILE B 92 10.85 -11.63 -10.76
CA ILE B 92 11.16 -13.04 -10.53
C ILE B 92 10.52 -13.54 -9.24
N ARG B 93 10.51 -12.71 -8.20
CA ARG B 93 9.94 -13.10 -6.91
C ARG B 93 9.34 -11.87 -6.24
N ASN B 94 8.40 -12.13 -5.34
CA ASN B 94 7.83 -11.09 -4.50
C ASN B 94 8.58 -11.06 -3.18
N ASP B 95 9.34 -10.00 -2.95
CA ASP B 95 10.05 -9.81 -1.68
C ASP B 95 10.19 -8.30 -1.45
N ASN B 96 11.10 -7.90 -0.57
CA ASN B 96 11.14 -6.48 -0.23
C ASN B 96 11.65 -5.61 -1.37
N ASP B 97 12.35 -6.21 -2.35
CA ASP B 97 12.98 -5.43 -3.41
C ASP B 97 12.27 -5.54 -4.75
N SER B 98 11.33 -6.47 -4.92
CA SER B 98 10.58 -6.54 -6.16
C SER B 98 9.23 -7.17 -5.87
N TRP B 99 8.20 -6.73 -6.60
CA TRP B 99 6.87 -7.25 -6.35
C TRP B 99 6.01 -7.12 -7.59
N ASP B 100 5.19 -8.14 -7.83
CA ASP B 100 4.16 -8.14 -8.85
C ASP B 100 2.82 -8.26 -8.13
N TYR B 101 1.99 -7.22 -8.24
CA TYR B 101 0.77 -7.14 -7.45
C TYR B 101 -0.38 -7.95 -8.05
N THR B 102 -0.12 -8.67 -9.14
CA THR B 102 -1.02 -9.68 -9.65
C THR B 102 -0.63 -11.10 -9.22
N LYS B 103 0.42 -11.24 -8.41
CA LYS B 103 0.92 -12.56 -8.05
C LYS B 103 1.06 -12.70 -6.53
N PRO B 104 0.97 -13.91 -6.01
CA PRO B 104 1.02 -14.09 -4.55
C PRO B 104 2.42 -14.00 -3.98
N TYR B 105 2.45 -13.70 -2.68
CA TYR B 105 3.67 -13.84 -1.91
C TYR B 105 3.91 -15.32 -1.60
N LEU B 106 5.11 -15.79 -1.87
CA LEU B 106 5.49 -17.15 -1.51
C LEU B 106 6.59 -17.15 -0.46
N ASN C 2 -11.42 -23.34 6.06
CA ASN C 2 -10.30 -22.40 6.20
C ASN C 2 -9.34 -22.54 5.02
N PRO C 3 -9.78 -22.12 3.83
CA PRO C 3 -8.96 -22.33 2.63
C PRO C 3 -7.66 -21.56 2.61
N ASN C 4 -7.52 -20.53 3.44
CA ASN C 4 -6.30 -19.72 3.44
C ASN C 4 -5.35 -20.12 4.55
N ALA C 5 -5.58 -21.25 5.20
CA ALA C 5 -4.63 -21.69 6.21
C ALA C 5 -3.25 -21.86 5.59
N GLY C 6 -2.25 -21.23 6.21
CA GLY C 6 -0.89 -21.28 5.69
C GLY C 6 -0.55 -20.19 4.70
N LYS C 7 -1.54 -19.41 4.27
CA LYS C 7 -1.26 -18.27 3.41
C LYS C 7 -0.54 -17.20 4.21
N VAL C 8 0.51 -16.63 3.62
CA VAL C 8 1.33 -15.57 4.22
C VAL C 8 1.34 -14.41 3.24
N LEU C 9 1.13 -13.20 3.75
CA LEU C 9 0.95 -12.05 2.87
C LEU C 9 2.22 -11.24 2.63
N LEU C 10 3.11 -11.09 3.61
CA LEU C 10 4.20 -10.14 3.52
C LEU C 10 5.47 -10.67 4.13
N PRO C 11 6.63 -10.16 3.70
CA PRO C 11 7.88 -10.44 4.40
C PRO C 11 7.80 -9.95 5.84
N THR C 12 8.39 -10.74 6.74
CA THR C 12 8.42 -10.38 8.13
C THR C 12 9.26 -9.12 8.33
N PRO C 13 8.79 -8.15 9.15
CA PRO C 13 9.56 -6.93 9.39
C PRO C 13 10.80 -7.18 10.21
N SER D 1 9.11 23.98 -12.85
CA SER D 1 8.53 24.32 -11.56
C SER D 1 8.52 23.10 -10.65
N ASN D 2 8.19 23.31 -9.38
CA ASN D 2 8.18 22.27 -8.37
C ASN D 2 6.93 22.41 -7.52
N PRO D 3 5.75 22.11 -8.10
CA PRO D 3 4.50 22.33 -7.36
C PRO D 3 4.36 21.47 -6.13
N ASN D 4 5.14 20.39 -6.00
CA ASN D 4 5.00 19.53 -4.85
C ASN D 4 6.04 19.81 -3.77
N ALA D 5 6.77 20.91 -3.89
CA ALA D 5 7.73 21.26 -2.83
C ALA D 5 7.00 21.40 -1.50
N GLY D 6 7.49 20.69 -0.48
CA GLY D 6 6.86 20.71 0.82
C GLY D 6 5.82 19.63 1.03
N LYS D 7 5.42 18.92 -0.04
CA LYS D 7 4.47 17.83 0.13
C LYS D 7 5.17 16.67 0.82
N VAL D 8 4.49 16.09 1.82
CA VAL D 8 4.96 14.96 2.59
C VAL D 8 3.92 13.86 2.46
N LEU D 9 4.39 12.62 2.25
CA LEU D 9 3.48 11.54 1.90
C LEU D 9 3.10 10.65 3.07
N LEU D 10 4.00 10.42 4.02
CA LEU D 10 3.79 9.39 5.03
C LEU D 10 4.33 9.83 6.38
N PRO D 11 3.76 9.29 7.46
CA PRO D 11 4.37 9.47 8.78
C PRO D 11 5.78 8.88 8.79
N THR D 12 6.68 9.56 9.52
CA THR D 12 8.06 9.10 9.60
C THR D 12 8.12 7.77 10.34
N PRO D 13 8.93 6.82 9.87
CA PRO D 13 9.04 5.54 10.57
C PRO D 13 9.73 5.68 11.91
S SO4 E . -19.19 -15.88 3.62
O1 SO4 E . -18.44 -16.23 2.41
O2 SO4 E . -18.75 -16.74 4.71
O3 SO4 E . -20.61 -16.10 3.39
O4 SO4 E . -18.95 -14.48 3.96
S SO4 F . 5.94 16.42 -17.69
O1 SO4 F . 6.19 14.98 -17.75
O2 SO4 F . 6.55 17.08 -18.85
O3 SO4 F . 6.50 16.95 -16.45
O4 SO4 F . 4.51 16.72 -17.66
#